data_1ZJZ
#
_entry.id   1ZJZ
#
_cell.length_a   55.856
_cell.length_b   79.847
_cell.length_c   112.915
_cell.angle_alpha   90.00
_cell.angle_beta   90.00
_cell.angle_gamma   90.00
#
_symmetry.space_group_name_H-M   'I 2 2 2'
#
loop_
_entity.id
_entity.type
_entity.pdbx_description
1 polymer 'R-specific alcohol dehydrogenase'
2 non-polymer 'MAGNESIUM ION'
3 non-polymer (1R)-1-PHENYLETHANOL
4 non-polymer NICOTINAMIDE-ADENINE-DINUCLEOTIDE
5 water water
#
_entity_poly.entity_id   1
_entity_poly.type   'polypeptide(L)'
_entity_poly.pdbx_seq_one_letter_code
;SNRLDGKVAIITGGTLGIGLAIATKFVEEGAKVMITDRHSDVGEKAAKSVGTPDQIQFFQHDSSDEDGWTKLFDATEKAF
GPVSTLVNNAGIAVNKSVEETTTAEWRKLLAVNLDGVFFGTRLGIQRMKNKGLGASIINMSSIEGFVGDPSLGAYNASKG
AVRIMSKSAALDCALKDYDVRVNTVHPGYIKTPLVDDLPGAEEAMSQRTKTPMGHIGEPNDIAYICVYLASNESKFATGS
EFVVDGGYTAQ
;
_entity_poly.pdbx_strand_id   A
#
loop_
_chem_comp.id
_chem_comp.type
_chem_comp.name
_chem_comp.formula
MG non-polymer 'MAGNESIUM ION' 'Mg 2'
NAD non-polymer NICOTINAMIDE-ADENINE-DINUCLEOTIDE 'C21 H27 N7 O14 P2'
SS2 non-polymer (1R)-1-PHENYLETHANOL 'C8 H10 O'
#
# COMPACT_ATOMS: atom_id res chain seq x y z
N SER A 1 -19.14 5.29 -7.59
CA SER A 1 -19.66 4.10 -8.28
C SER A 1 -18.96 3.88 -9.61
N ASN A 2 -18.67 2.62 -9.86
CA ASN A 2 -18.10 2.14 -11.08
C ASN A 2 -16.74 2.67 -11.52
N ARG A 3 -16.01 3.40 -10.66
CA ARG A 3 -14.78 4.02 -11.12
C ARG A 3 -13.67 3.02 -11.40
N LEU A 4 -13.80 1.79 -10.89
N LEU A 4 -13.80 1.79 -10.90
CA LEU A 4 -12.83 0.73 -11.07
CA LEU A 4 -12.80 0.75 -11.13
C LEU A 4 -13.46 -0.49 -11.73
C LEU A 4 -13.42 -0.43 -11.89
N ASP A 5 -14.54 -0.30 -12.49
N ASP A 5 -14.27 -0.13 -12.88
CA ASP A 5 -15.17 -1.39 -13.19
CA ASP A 5 -14.96 -1.15 -13.66
C ASP A 5 -14.15 -2.20 -13.97
C ASP A 5 -13.94 -2.13 -14.22
N GLY A 6 -14.19 -3.52 -13.80
N GLY A 6 -14.18 -3.40 -13.95
CA GLY A 6 -13.32 -4.39 -14.55
CA GLY A 6 -13.39 -4.49 -14.45
C GLY A 6 -11.96 -4.64 -13.93
C GLY A 6 -11.97 -4.65 -13.92
N LYS A 7 -11.51 -3.78 -13.00
CA LYS A 7 -10.18 -3.90 -12.44
C LYS A 7 -10.10 -5.12 -11.52
N VAL A 8 -8.89 -5.67 -11.43
CA VAL A 8 -8.57 -6.79 -10.54
C VAL A 8 -7.33 -6.36 -9.77
N ALA A 9 -7.47 -6.22 -8.45
CA ALA A 9 -6.43 -5.63 -7.63
C ALA A 9 -5.92 -6.61 -6.57
N ILE A 10 -4.60 -6.54 -6.33
CA ILE A 10 -3.95 -7.13 -5.18
C ILE A 10 -3.58 -5.99 -4.23
N ILE A 11 -3.90 -6.14 -2.95
CA ILE A 11 -3.54 -5.17 -1.93
C ILE A 11 -2.79 -5.92 -0.83
N THR A 12 -1.49 -5.67 -0.70
CA THR A 12 -0.73 -6.32 0.34
C THR A 12 -1.00 -5.61 1.65
N GLY A 13 -1.03 -6.40 2.73
CA GLY A 13 -1.43 -5.85 4.02
C GLY A 13 -2.81 -5.19 3.98
N GLY A 14 -3.70 -5.87 3.32
CA GLY A 14 -5.01 -5.35 2.99
C GLY A 14 -6.06 -5.70 4.02
N THR A 15 -5.64 -6.24 5.15
CA THR A 15 -6.58 -6.74 6.15
C THR A 15 -6.90 -5.81 7.31
N LEU A 16 -6.16 -4.72 7.44
CA LEU A 16 -6.25 -3.78 8.54
C LEU A 16 -6.06 -2.36 8.05
N GLY A 17 -6.60 -1.40 8.79
CA GLY A 17 -6.25 0.00 8.67
C GLY A 17 -6.34 0.51 7.25
N ILE A 18 -5.28 1.14 6.77
CA ILE A 18 -5.24 1.74 5.46
C ILE A 18 -5.57 0.69 4.37
N GLY A 19 -4.90 -0.45 4.42
CA GLY A 19 -5.11 -1.46 3.41
C GLY A 19 -6.55 -1.93 3.34
N LEU A 20 -7.17 -2.14 4.49
CA LEU A 20 -8.56 -2.55 4.54
C LEU A 20 -9.49 -1.50 3.93
N ALA A 21 -9.22 -0.22 4.19
CA ALA A 21 -10.03 0.83 3.60
C ALA A 21 -9.85 0.90 2.10
N ILE A 22 -8.62 0.75 1.62
CA ILE A 22 -8.38 0.66 0.17
C ILE A 22 -9.22 -0.47 -0.41
N ALA A 23 -9.14 -1.64 0.22
CA ALA A 23 -9.92 -2.79 -0.26
C ALA A 23 -11.41 -2.51 -0.30
N THR A 24 -11.90 -1.87 0.75
CA THR A 24 -13.32 -1.57 0.88
C THR A 24 -13.78 -0.65 -0.26
N LYS A 25 -13.05 0.44 -0.46
CA LYS A 25 -13.43 1.37 -1.50
C LYS A 25 -13.21 0.78 -2.89
N PHE A 26 -12.18 -0.03 -3.05
CA PHE A 26 -12.00 -0.69 -4.33
C PHE A 26 -13.19 -1.57 -4.70
N VAL A 27 -13.69 -2.34 -3.76
N VAL A 27 -13.59 -2.42 -3.75
CA VAL A 27 -14.88 -3.13 -4.06
CA VAL A 27 -14.75 -3.30 -3.94
C VAL A 27 -16.09 -2.26 -4.39
C VAL A 27 -16.00 -2.46 -4.24
N GLU A 28 -16.28 -1.22 -3.61
N GLU A 28 -16.19 -1.38 -3.51
CA GLU A 28 -17.38 -0.29 -3.82
CA GLU A 28 -17.32 -0.48 -3.75
C GLU A 28 -17.38 0.31 -5.20
C GLU A 28 -17.35 0.08 -5.17
N GLU A 29 -16.18 0.43 -5.79
N GLU A 29 -16.16 0.40 -5.71
CA GLU A 29 -16.04 1.01 -7.10
CA GLU A 29 -16.01 0.97 -7.03
C GLU A 29 -15.94 -0.05 -8.20
C GLU A 29 -15.96 -0.04 -8.16
N GLY A 30 -16.20 -1.32 -7.88
CA GLY A 30 -16.33 -2.34 -8.89
C GLY A 30 -15.13 -3.23 -9.12
N ALA A 31 -14.04 -3.02 -8.38
CA ALA A 31 -12.87 -3.87 -8.53
C ALA A 31 -13.12 -5.20 -7.82
N LYS A 32 -12.45 -6.23 -8.33
CA LYS A 32 -12.24 -7.48 -7.59
C LYS A 32 -10.93 -7.35 -6.84
N VAL A 33 -10.85 -7.88 -5.64
CA VAL A 33 -9.71 -7.62 -4.77
C VAL A 33 -9.21 -8.90 -4.10
N MET A 34 -7.90 -9.08 -4.10
CA MET A 34 -7.24 -10.07 -3.26
C MET A 34 -6.42 -9.31 -2.24
N ILE A 35 -6.73 -9.49 -0.95
CA ILE A 35 -5.97 -8.91 0.15
C ILE A 35 -5.02 -9.94 0.72
N THR A 36 -3.90 -9.46 1.27
N THR A 36 -3.87 -9.49 1.20
CA THR A 36 -2.94 -10.35 1.94
CA THR A 36 -2.90 -10.38 1.83
C THR A 36 -2.62 -9.88 3.36
C THR A 36 -2.53 -9.88 3.21
N ASP A 37 -2.07 -10.85 4.09
N ASP A 37 -2.02 -10.80 4.01
CA ASP A 37 -1.44 -10.70 5.40
CA ASP A 37 -1.46 -10.53 5.32
C ASP A 37 -0.63 -11.97 5.63
C ASP A 37 -0.65 -11.73 5.69
N ARG A 38 0.34 -11.94 6.52
N ARG A 38 0.39 -11.53 6.48
CA ARG A 38 0.97 -13.22 6.94
CA ARG A 38 1.30 -12.62 6.83
C ARG A 38 0.09 -14.01 7.93
C ARG A 38 0.59 -13.70 7.71
N HIS A 39 -0.92 -13.36 8.49
N HIS A 39 -0.44 -13.29 8.46
CA HIS A 39 -1.74 -14.01 9.52
CA HIS A 39 -1.28 -14.15 9.32
C HIS A 39 -3.14 -14.40 9.02
C HIS A 39 -2.57 -14.49 8.62
N SER A 40 -3.38 -15.70 8.90
N SER A 40 -3.27 -15.53 9.09
CA SER A 40 -4.61 -16.15 8.24
CA SER A 40 -4.59 -15.87 8.53
C SER A 40 -5.84 -15.81 9.05
C SER A 40 -5.76 -15.52 9.45
N ASP A 41 -5.65 -15.73 10.35
N ASP A 41 -5.49 -15.37 10.73
CA ASP A 41 -6.76 -15.40 11.23
CA ASP A 41 -6.61 -15.29 11.66
C ASP A 41 -7.29 -13.96 11.01
C ASP A 41 -7.55 -14.15 11.33
N VAL A 42 -6.37 -13.03 10.76
N VAL A 42 -7.05 -13.27 10.46
CA VAL A 42 -6.77 -11.65 10.47
CA VAL A 42 -7.54 -11.91 10.26
C VAL A 42 -7.38 -11.54 9.07
C VAL A 42 -7.94 -11.71 8.80
N GLY A 43 -6.75 -12.23 8.12
N GLY A 43 -7.97 -12.79 8.02
CA GLY A 43 -7.08 -12.13 6.72
CA GLY A 43 -8.04 -12.64 6.56
C GLY A 43 -8.42 -12.75 6.35
C GLY A 43 -9.40 -12.86 5.96
N GLU A 44 -8.73 -13.93 6.87
N GLU A 44 -9.91 -14.06 6.16
CA GLU A 44 -10.00 -14.53 6.51
CA GLU A 44 -11.22 -14.44 5.71
C GLU A 44 -11.14 -13.66 7.02
C GLU A 44 -12.25 -13.55 6.33
N LYS A 45 -11.01 -13.16 8.25
N LYS A 45 -12.08 -13.30 7.61
CA LYS A 45 -12.05 -12.31 8.82
CA LYS A 45 -12.97 -12.43 8.34
C LYS A 45 -12.18 -11.02 8.04
C LYS A 45 -12.99 -11.00 7.72
N ALA A 46 -11.05 -10.45 7.63
N ALA A 46 -11.82 -10.41 7.53
CA ALA A 46 -11.08 -9.18 6.93
CA ALA A 46 -11.69 -9.09 6.93
C ALA A 46 -11.92 -9.20 5.63
C ALA A 46 -12.19 -9.18 5.52
N ALA A 47 -11.75 -10.21 4.78
CA ALA A 47 -12.34 -10.32 3.45
C ALA A 47 -13.84 -10.43 3.59
N LYS A 48 -14.29 -11.29 4.46
CA LYS A 48 -15.72 -11.49 4.66
C LYS A 48 -16.40 -10.22 5.13
N SER A 49 -15.69 -9.40 5.91
CA SER A 49 -16.25 -8.16 6.42
C SER A 49 -16.48 -7.13 5.33
N VAL A 50 -15.77 -7.25 4.21
CA VAL A 50 -15.90 -6.33 3.09
C VAL A 50 -16.92 -6.79 2.06
N GLY A 51 -16.93 -8.07 1.73
CA GLY A 51 -17.78 -8.52 0.66
C GLY A 51 -17.75 -10.01 0.51
N THR A 52 -18.36 -10.49 -0.57
CA THR A 52 -18.51 -11.91 -0.87
C THR A 52 -17.30 -12.38 -1.64
N PRO A 53 -17.14 -13.65 -1.96
N PRO A 53 -16.96 -13.68 -1.51
CA PRO A 53 -15.96 -14.07 -2.74
CA PRO A 53 -15.75 -14.23 -2.11
C PRO A 53 -15.83 -13.66 -4.20
C PRO A 53 -15.69 -13.95 -3.58
N ASP A 54 -16.94 -13.38 -4.87
N ASP A 54 -16.82 -13.63 -4.17
CA ASP A 54 -16.89 -12.86 -6.23
CA ASP A 54 -16.82 -13.25 -5.57
C ASP A 54 -16.36 -11.44 -6.29
C ASP A 54 -16.35 -11.82 -5.80
N GLN A 55 -16.32 -10.82 -5.13
N GLN A 55 -16.25 -11.01 -4.75
CA GLN A 55 -15.79 -9.48 -4.87
CA GLN A 55 -15.77 -9.63 -4.90
C GLN A 55 -14.33 -9.48 -4.30
C GLN A 55 -14.37 -9.45 -4.26
N ILE A 56 -14.09 -10.22 -3.21
CA ILE A 56 -12.88 -10.07 -2.43
C ILE A 56 -12.53 -11.38 -1.78
N GLN A 57 -11.26 -11.74 -1.85
CA GLN A 57 -10.71 -12.91 -1.20
C GLN A 57 -9.43 -12.54 -0.49
N PHE A 58 -8.97 -13.48 0.36
CA PHE A 58 -7.75 -13.40 1.12
C PHE A 58 -6.74 -14.45 0.67
N PHE A 59 -5.46 -14.07 0.64
N PHE A 59 -5.47 -14.06 0.65
CA PHE A 59 -4.33 -14.95 0.35
CA PHE A 59 -4.33 -14.93 0.39
C PHE A 59 -3.23 -14.65 1.34
C PHE A 59 -3.26 -14.61 1.40
N GLN A 60 -2.86 -15.71 2.08
N GLN A 60 -2.89 -15.62 2.18
CA GLN A 60 -1.80 -15.61 3.04
CA GLN A 60 -1.89 -15.44 3.21
C GLN A 60 -0.47 -15.46 2.35
C GLN A 60 -0.49 -15.36 2.61
N HIS A 61 0.28 -14.43 2.71
N HIS A 61 0.19 -14.26 2.88
CA HIS A 61 1.57 -14.17 2.11
CA HIS A 61 1.46 -13.98 2.23
C HIS A 61 2.22 -13.01 2.85
C HIS A 61 2.20 -12.99 3.06
N ASP A 62 3.49 -13.23 3.20
CA ASP A 62 4.41 -12.24 3.73
C ASP A 62 5.08 -11.58 2.51
N SER A 63 4.97 -10.27 2.35
CA SER A 63 5.49 -9.59 1.17
C SER A 63 6.99 -9.73 1.00
N SER A 64 7.72 -10.10 2.04
CA SER A 64 9.14 -10.35 1.93
C SER A 64 9.48 -11.70 1.27
N ASP A 65 8.46 -12.55 1.08
CA ASP A 65 8.59 -13.91 0.56
C ASP A 65 8.49 -13.87 -0.96
N GLU A 66 9.65 -13.93 -1.61
CA GLU A 66 9.75 -13.80 -3.05
C GLU A 66 8.92 -14.87 -3.79
N ASP A 67 9.08 -16.11 -3.42
CA ASP A 67 8.37 -17.18 -4.15
C ASP A 67 6.87 -17.08 -3.99
N GLY A 68 6.44 -16.64 -2.83
CA GLY A 68 5.03 -16.48 -2.58
C GLY A 68 4.35 -15.46 -3.46
N TRP A 69 5.09 -14.40 -3.76
N TRP A 69 5.12 -14.58 -4.12
CA TRP A 69 4.55 -13.40 -4.65
CA TRP A 69 4.54 -13.59 -5.04
C TRP A 69 4.00 -14.07 -5.91
C TRP A 69 3.93 -14.17 -6.34
N THR A 70 4.72 -15.04 -6.44
N THR A 70 4.55 -15.14 -6.99
CA THR A 70 4.26 -15.74 -7.64
CA THR A 70 3.95 -15.73 -8.18
C THR A 70 2.95 -16.49 -7.35
C THR A 70 2.69 -16.49 -7.83
N LYS A 71 2.90 -17.15 -6.21
N LYS A 71 2.71 -17.15 -6.67
CA LYS A 71 1.69 -17.90 -5.81
CA LYS A 71 1.54 -17.88 -6.20
C LYS A 71 0.48 -16.96 -5.74
C LYS A 71 0.39 -16.93 -5.83
N LEU A 72 0.71 -15.76 -5.25
CA LEU A 72 -0.31 -14.74 -5.02
C LEU A 72 -0.91 -14.27 -6.34
N PHE A 73 -0.07 -13.94 -7.32
CA PHE A 73 -0.59 -13.54 -8.62
C PHE A 73 -1.40 -14.67 -9.28
N ASP A 74 -0.91 -15.89 -9.17
CA ASP A 74 -1.63 -16.99 -9.77
C ASP A 74 -2.99 -17.20 -9.12
N ALA A 75 -3.06 -17.13 -7.80
CA ALA A 75 -4.32 -17.29 -7.08
C ALA A 75 -5.31 -16.18 -7.45
N THR A 76 -4.80 -14.95 -7.62
N THR A 76 -4.80 -14.95 -7.59
CA THR A 76 -5.68 -13.82 -7.92
CA THR A 76 -5.66 -13.83 -7.93
C THR A 76 -6.26 -13.97 -9.31
C THR A 76 -6.19 -14.00 -9.34
N GLU A 77 -5.43 -14.34 -10.27
N GLU A 77 -5.33 -14.41 -10.26
CA GLU A 77 -5.92 -14.54 -11.61
CA GLU A 77 -5.76 -14.64 -11.62
C GLU A 77 -6.90 -15.74 -11.70
C GLU A 77 -6.81 -15.77 -11.71
N LYS A 78 -6.61 -16.83 -10.99
N LYS A 78 -6.64 -16.85 -10.94
CA LYS A 78 -7.54 -17.97 -10.92
CA LYS A 78 -7.60 -17.96 -10.97
C LYS A 78 -8.92 -17.48 -10.48
C LYS A 78 -8.96 -17.52 -10.43
N ALA A 79 -8.95 -16.64 -9.42
CA ALA A 79 -10.20 -16.17 -8.85
C ALA A 79 -10.94 -15.18 -9.74
N PHE A 80 -10.20 -14.23 -10.33
CA PHE A 80 -10.79 -13.03 -10.87
C PHE A 80 -10.40 -12.66 -12.29
N GLY A 81 -9.47 -13.39 -12.88
CA GLY A 81 -8.90 -13.02 -14.16
C GLY A 81 -7.65 -12.16 -13.98
N PRO A 82 -7.02 -11.78 -15.09
CA PRO A 82 -5.71 -11.11 -15.05
C PRO A 82 -5.68 -9.87 -14.16
N VAL A 83 -4.61 -9.77 -13.36
CA VAL A 83 -4.47 -8.67 -12.43
C VAL A 83 -4.15 -7.40 -13.20
N SER A 84 -4.83 -6.31 -12.84
CA SER A 84 -4.60 -4.99 -13.43
C SER A 84 -3.95 -4.00 -12.46
N THR A 85 -4.01 -4.26 -11.17
CA THR A 85 -3.73 -3.24 -10.18
C THR A 85 -3.04 -3.87 -8.98
N LEU A 86 -1.94 -3.26 -8.54
CA LEU A 86 -1.22 -3.74 -7.40
C LEU A 86 -1.00 -2.58 -6.42
N VAL A 87 -1.38 -2.76 -5.17
CA VAL A 87 -1.09 -1.79 -4.13
C VAL A 87 -0.13 -2.45 -3.15
N ASN A 88 1.12 -1.99 -3.17
CA ASN A 88 2.16 -2.47 -2.26
C ASN A 88 2.04 -1.66 -0.99
N ASN A 89 1.22 -2.15 -0.07
CA ASN A 89 0.92 -1.47 1.17
C ASN A 89 1.53 -2.10 2.41
N ALA A 90 1.88 -3.37 2.39
CA ALA A 90 2.46 -4.02 3.58
C ALA A 90 3.73 -3.31 3.99
N GLY A 91 3.88 -3.10 5.29
CA GLY A 91 5.07 -2.46 5.81
C GLY A 91 5.15 -2.61 7.31
N ILE A 92 6.36 -2.47 7.84
CA ILE A 92 6.60 -2.46 9.27
C ILE A 92 7.50 -1.28 9.61
N ALA A 93 7.54 -1.00 10.89
CA ALA A 93 8.39 0.05 11.41
C ALA A 93 9.19 -0.46 12.58
N VAL A 94 10.30 0.20 12.78
N VAL A 94 10.42 0.04 12.67
CA VAL A 94 11.12 0.04 13.94
CA VAL A 94 11.33 -0.15 13.77
C VAL A 94 11.30 1.45 14.53
C VAL A 94 11.43 1.24 14.48
N ASN A 95 11.16 1.60 15.82
N ASN A 95 11.26 1.27 15.78
CA ASN A 95 11.34 2.89 16.43
CA ASN A 95 11.37 2.51 16.55
C ASN A 95 12.74 2.99 16.97
C ASN A 95 12.79 2.73 17.04
N LYS A 96 13.72 2.98 16.06
N LYS A 96 13.65 3.21 16.14
CA LYS A 96 15.12 3.15 16.39
CA LYS A 96 15.03 3.36 16.47
C LYS A 96 15.71 4.29 15.54
C LYS A 96 15.67 4.36 15.55
N SER A 97 16.59 5.12 16.08
CA SER A 97 17.47 5.95 15.29
C SER A 97 18.39 5.09 14.42
N VAL A 98 18.99 5.68 13.40
CA VAL A 98 20.04 4.99 12.65
C VAL A 98 21.11 4.45 13.60
N GLU A 99 21.59 5.29 14.52
N GLU A 99 21.57 5.29 14.52
CA GLU A 99 22.62 4.91 15.47
CA GLU A 99 22.60 4.93 15.50
C GLU A 99 22.28 3.64 16.24
C GLU A 99 22.28 3.65 16.24
N GLU A 100 21.03 3.50 16.63
N GLU A 100 21.03 3.47 16.60
CA GLU A 100 20.58 2.42 17.53
CA GLU A 100 20.61 2.39 17.50
C GLU A 100 19.88 1.28 16.81
C GLU A 100 19.92 1.24 16.79
N THR A 101 19.93 1.27 15.46
N THR A 101 19.92 1.26 15.45
CA THR A 101 19.32 0.19 14.70
CA THR A 101 19.31 0.18 14.69
C THR A 101 20.25 -1.01 14.66
C THR A 101 20.25 -1.01 14.65
N THR A 102 19.77 -2.18 15.10
CA THR A 102 20.56 -3.39 14.99
C THR A 102 20.55 -3.85 13.54
N THR A 103 21.55 -4.61 13.16
CA THR A 103 21.58 -5.16 11.82
C THR A 103 20.39 -6.08 11.55
N ALA A 104 19.97 -6.85 12.54
CA ALA A 104 18.81 -7.71 12.36
C ALA A 104 17.56 -6.85 12.09
N GLU A 105 17.39 -5.76 12.84
CA GLU A 105 16.25 -4.86 12.62
C GLU A 105 16.27 -4.27 11.22
N TRP A 106 17.45 -3.83 10.81
CA TRP A 106 17.66 -3.26 9.48
C TRP A 106 17.22 -4.24 8.41
N ARG A 107 17.75 -5.45 8.49
CA ARG A 107 17.46 -6.45 7.47
C ARG A 107 15.98 -6.84 7.44
N LYS A 108 15.38 -6.99 8.61
CA LYS A 108 13.97 -7.38 8.69
C LYS A 108 13.08 -6.30 8.07
N LEU A 109 13.31 -5.04 8.44
CA LEU A 109 12.49 -3.97 7.88
C LEU A 109 12.70 -3.84 6.38
N LEU A 110 13.95 -3.89 5.92
CA LEU A 110 14.15 -3.79 4.49
C LEU A 110 13.52 -4.96 3.74
N ALA A 111 13.48 -6.13 4.35
CA ALA A 111 12.90 -7.30 3.67
C ALA A 111 11.43 -7.05 3.32
N VAL A 112 10.68 -6.47 4.25
CA VAL A 112 9.27 -6.18 4.01
C VAL A 112 9.10 -4.92 3.15
N ASN A 113 9.68 -3.83 3.64
CA ASN A 113 9.34 -2.52 3.10
C ASN A 113 10.03 -2.19 1.79
N LEU A 114 11.17 -2.82 1.51
CA LEU A 114 11.94 -2.53 0.32
C LEU A 114 11.97 -3.74 -0.59
N ASP A 115 12.53 -4.87 -0.14
CA ASP A 115 12.54 -6.06 -0.98
C ASP A 115 11.10 -6.42 -1.41
N GLY A 116 10.15 -6.37 -0.48
CA GLY A 116 8.79 -6.80 -0.80
C GLY A 116 8.18 -5.92 -1.89
N VAL A 117 8.41 -4.60 -1.81
CA VAL A 117 7.92 -3.68 -2.79
C VAL A 117 8.61 -3.90 -4.16
N PHE A 118 9.91 -4.16 -4.14
CA PHE A 118 10.64 -4.55 -5.34
C PHE A 118 10.03 -5.81 -5.96
N PHE A 119 9.89 -6.87 -5.16
CA PHE A 119 9.36 -8.12 -5.71
C PHE A 119 7.99 -7.88 -6.34
N GLY A 120 7.12 -7.17 -5.64
CA GLY A 120 5.79 -6.93 -6.17
C GLY A 120 5.79 -6.07 -7.43
N THR A 121 6.58 -5.00 -7.43
CA THR A 121 6.66 -4.13 -8.60
C THR A 121 7.23 -4.87 -9.79
N ARG A 122 8.33 -5.58 -9.59
CA ARG A 122 8.96 -6.35 -10.68
C ARG A 122 7.98 -7.36 -11.29
N LEU A 123 7.32 -8.14 -10.44
CA LEU A 123 6.39 -9.15 -10.92
C LEU A 123 5.17 -8.49 -11.55
N GLY A 124 4.68 -7.42 -10.93
CA GLY A 124 3.54 -6.73 -11.47
C GLY A 124 3.81 -6.22 -12.87
N ILE A 125 4.97 -5.64 -13.12
CA ILE A 125 5.26 -5.19 -14.46
C ILE A 125 5.22 -6.38 -15.43
N GLN A 126 5.88 -7.45 -15.06
N GLN A 126 5.91 -7.45 -15.03
CA GLN A 126 5.94 -8.62 -15.96
CA GLN A 126 6.06 -8.66 -15.87
C GLN A 126 4.53 -9.19 -16.30
C GLN A 126 4.72 -9.29 -16.23
N ARG A 127 3.71 -9.26 -15.25
N ARG A 127 3.75 -9.18 -15.32
CA ARG A 127 2.37 -9.83 -15.36
CA ARG A 127 2.47 -9.81 -15.53
C ARG A 127 1.33 -8.90 -15.96
C ARG A 127 1.44 -8.89 -16.15
N MET A 128 1.55 -7.59 -15.92
N MET A 128 1.45 -7.62 -15.81
CA MET A 128 0.57 -6.63 -16.35
CA MET A 128 0.32 -6.77 -16.16
C MET A 128 0.91 -5.97 -17.70
C MET A 128 0.53 -5.92 -17.42
N LYS A 129 2.17 -6.00 -18.11
N LYS A 129 1.74 -5.94 -17.97
CA LYS A 129 2.59 -5.27 -19.29
CA LYS A 129 2.05 -5.16 -19.15
C LYS A 129 1.86 -5.82 -20.53
C LYS A 129 1.47 -5.76 -20.41
N ASN A 130 1.40 -4.87 -21.39
CA ASN A 130 1.00 -5.22 -22.75
C ASN A 130 -0.32 -5.97 -22.84
N LYS A 131 -1.23 -5.77 -21.89
CA LYS A 131 -2.51 -6.47 -21.88
C LYS A 131 -3.70 -5.55 -22.02
N GLY A 132 -3.47 -4.25 -22.24
CA GLY A 132 -4.61 -3.35 -22.39
C GLY A 132 -5.45 -3.19 -21.14
N LEU A 133 -4.86 -3.45 -19.98
CA LEU A 133 -5.60 -3.43 -18.73
C LEU A 133 -5.73 -2.07 -18.08
N GLY A 134 -4.99 -1.07 -18.57
CA GLY A 134 -4.86 0.16 -17.81
C GLY A 134 -4.24 -0.09 -16.44
N ALA A 135 -3.09 -0.77 -16.47
CA ALA A 135 -2.53 -1.29 -15.25
C ALA A 135 -1.89 -0.20 -14.40
N SER A 136 -1.92 -0.38 -13.10
CA SER A 136 -1.45 0.62 -12.16
C SER A 136 -0.87 -0.04 -10.95
N ILE A 137 0.37 0.34 -10.61
CA ILE A 137 1.08 -0.09 -9.42
C ILE A 137 1.19 1.13 -8.51
N ILE A 138 0.65 0.98 -7.29
CA ILE A 138 0.60 2.03 -6.30
C ILE A 138 1.46 1.58 -5.14
N ASN A 139 2.54 2.31 -4.91
N ASN A 139 2.62 2.20 -5.01
CA ASN A 139 3.48 1.96 -3.84
CA ASN A 139 3.57 1.83 -3.98
C ASN A 139 3.37 2.94 -2.69
C ASN A 139 3.37 2.75 -2.79
N MET A 140 3.20 2.40 -1.48
N MET A 140 2.83 2.16 -1.70
CA MET A 140 3.04 3.21 -0.28
CA MET A 140 2.59 2.92 -0.49
C MET A 140 4.40 3.63 0.18
C MET A 140 3.90 3.35 0.09
N SER A 141 4.66 4.93 0.13
N SER A 141 3.95 4.59 0.53
CA SER A 141 5.97 5.48 0.37
CA SER A 141 5.17 5.17 1.04
C SER A 141 6.17 6.60 1.39
C SER A 141 4.69 5.94 2.24
N SER A 142 5.10 6.96 2.11
N SER A 142 5.25 7.11 2.44
CA SER A 142 5.13 7.71 3.37
CA SER A 142 4.95 7.85 3.66
C SER A 142 5.52 9.17 3.31
C SER A 142 5.46 9.26 3.55
N ILE A 143 5.02 10.00 4.24
N ILE A 143 4.98 10.13 4.41
CA ILE A 143 5.71 11.26 4.50
CA ILE A 143 5.74 11.36 4.66
C ILE A 143 7.19 11.06 4.83
C ILE A 143 7.22 11.08 4.93
N GLU A 144 7.51 9.92 5.42
N GLU A 144 7.50 9.88 5.47
CA GLU A 144 8.89 9.57 5.77
CA GLU A 144 8.87 9.45 5.79
C GLU A 144 9.72 9.15 4.57
C GLU A 144 9.72 9.15 4.58
N GLY A 145 9.16 9.26 3.37
CA GLY A 145 9.95 9.26 2.14
C GLY A 145 10.36 10.65 1.66
N PHE A 146 9.87 11.69 2.34
CA PHE A 146 10.20 13.10 2.06
C PHE A 146 11.05 13.73 3.14
N VAL A 147 10.75 13.47 4.39
CA VAL A 147 11.43 14.06 5.52
C VAL A 147 11.95 12.92 6.39
N GLY A 148 13.03 13.22 7.13
CA GLY A 148 13.51 12.30 8.11
C GLY A 148 12.76 12.37 9.42
N ASP A 149 12.92 11.32 10.20
CA ASP A 149 12.46 11.30 11.59
C ASP A 149 13.59 10.67 12.38
N PRO A 150 14.06 11.30 13.46
CA PRO A 150 15.23 10.81 14.17
C PRO A 150 15.09 9.40 14.73
N SER A 151 13.86 8.93 14.94
CA SER A 151 13.62 7.62 15.50
C SER A 151 13.02 6.63 14.50
N LEU A 152 13.20 6.89 13.20
CA LEU A 152 12.68 5.99 12.16
C LEU A 152 13.74 5.77 11.08
N GLY A 153 14.98 5.52 11.48
CA GLY A 153 16.07 5.51 10.52
C GLY A 153 15.91 4.49 9.37
N ALA A 154 15.68 3.23 9.72
CA ALA A 154 15.51 2.21 8.69
C ALA A 154 14.24 2.44 7.89
N TYR A 155 13.18 2.86 8.56
CA TYR A 155 11.92 3.17 7.87
C TYR A 155 12.14 4.26 6.83
N ASN A 156 12.82 5.34 7.20
CA ASN A 156 13.18 6.41 6.27
C ASN A 156 13.95 5.87 5.08
N ALA A 157 14.97 5.03 5.32
CA ALA A 157 15.70 4.42 4.22
C ALA A 157 14.76 3.71 3.26
N SER A 158 13.88 2.88 3.82
CA SER A 158 12.99 2.09 2.96
C SER A 158 12.04 2.98 2.15
N LYS A 159 11.54 4.04 2.76
CA LYS A 159 10.54 4.88 2.09
C LYS A 159 11.18 5.76 1.03
N GLY A 160 12.38 6.26 1.28
CA GLY A 160 13.10 6.98 0.24
C GLY A 160 13.45 6.08 -0.94
N ALA A 161 13.78 4.82 -0.64
CA ALA A 161 14.07 3.86 -1.71
C ALA A 161 12.84 3.63 -2.56
N VAL A 162 11.70 3.36 -1.94
CA VAL A 162 10.46 3.12 -2.69
C VAL A 162 10.11 4.34 -3.55
N ARG A 163 10.27 5.52 -2.99
N ARG A 163 10.28 5.52 -3.00
CA ARG A 163 9.94 6.75 -3.67
CA ARG A 163 9.98 6.75 -3.69
C ARG A 163 10.66 6.85 -5.00
C ARG A 163 10.72 6.81 -5.02
N ILE A 164 11.94 6.55 -5.07
N ILE A 164 12.03 6.63 -5.04
CA ILE A 164 12.71 6.77 -6.27
CA ILE A 164 12.79 6.80 -6.27
C ILE A 164 12.76 5.53 -7.14
C ILE A 164 12.80 5.54 -7.13
N MET A 165 12.81 4.33 -6.57
N MET A 165 12.78 4.35 -6.54
CA MET A 165 12.67 3.14 -7.37
CA MET A 165 12.64 3.12 -7.31
C MET A 165 11.37 3.18 -8.17
C MET A 165 11.39 3.18 -8.16
N SER A 166 10.28 3.68 -7.58
N SER A 166 10.30 3.71 -7.60
CA SER A 166 9.04 3.76 -8.33
CA SER A 166 9.05 3.75 -8.35
C SER A 166 9.11 4.63 -9.57
C SER A 166 9.11 4.63 -9.58
N LYS A 167 9.89 5.73 -9.47
CA LYS A 167 10.12 6.58 -10.64
C LYS A 167 10.84 5.82 -11.75
N SER A 168 11.86 5.04 -11.38
CA SER A 168 12.54 4.24 -12.36
C SER A 168 11.58 3.32 -13.12
N ALA A 169 10.78 2.58 -12.35
CA ALA A 169 9.82 1.67 -12.93
C ALA A 169 8.79 2.40 -13.79
N ALA A 170 8.31 3.52 -13.31
CA ALA A 170 7.37 4.34 -14.07
C ALA A 170 7.94 4.70 -15.43
N LEU A 171 9.18 5.18 -15.41
N LEU A 171 9.18 5.17 -15.41
CA LEU A 171 9.83 5.63 -16.64
CA LEU A 171 9.84 5.60 -16.64
C LEU A 171 10.01 4.48 -17.61
C LEU A 171 10.03 4.42 -17.60
N ASP A 172 10.50 3.34 -17.16
N ASP A 172 10.52 3.29 -17.11
CA ASP A 172 10.73 2.24 -18.08
CA ASP A 172 10.73 2.15 -17.97
C ASP A 172 9.40 1.76 -18.67
C ASP A 172 9.42 1.72 -18.64
N CYS A 173 8.37 1.62 -17.83
N CYS A 173 8.35 1.67 -17.84
CA CYS A 173 7.06 1.22 -18.33
CA CYS A 173 7.05 1.23 -18.34
C CYS A 173 6.54 2.22 -19.37
C CYS A 173 6.46 2.24 -19.34
N ALA A 174 6.71 3.51 -19.14
CA ALA A 174 6.21 4.54 -20.06
C ALA A 174 6.98 4.48 -21.39
N LEU A 175 8.30 4.41 -21.31
CA LEU A 175 9.16 4.42 -22.48
C LEU A 175 8.91 3.18 -23.33
N LYS A 176 8.57 2.05 -22.73
CA LYS A 176 8.32 0.81 -23.44
C LYS A 176 6.88 0.59 -23.81
N ASP A 177 6.01 1.54 -23.56
CA ASP A 177 4.60 1.44 -23.92
C ASP A 177 3.95 0.22 -23.30
N TYR A 178 4.27 -0.05 -22.04
CA TYR A 178 3.76 -1.24 -21.36
C TYR A 178 2.32 -1.15 -20.90
N ASP A 179 1.73 0.04 -20.87
CA ASP A 179 0.39 0.21 -20.30
C ASP A 179 0.37 -0.15 -18.82
N VAL A 180 1.45 0.28 -18.12
CA VAL A 180 1.56 0.16 -16.67
C VAL A 180 2.05 1.49 -16.14
N ARG A 181 1.35 2.06 -15.18
CA ARG A 181 1.76 3.24 -14.47
C ARG A 181 2.25 2.86 -13.09
N VAL A 182 3.18 3.65 -12.55
CA VAL A 182 3.71 3.41 -11.20
C VAL A 182 3.76 4.76 -10.49
N ASN A 183 3.13 4.86 -9.31
CA ASN A 183 3.09 6.08 -8.54
C ASN A 183 3.24 5.73 -7.07
N THR A 184 3.57 6.72 -6.25
CA THR A 184 3.64 6.53 -4.82
C THR A 184 2.63 7.38 -4.10
N VAL A 185 2.15 6.86 -2.98
CA VAL A 185 1.24 7.54 -2.08
C VAL A 185 1.95 7.73 -0.75
N HIS A 186 1.81 8.91 -0.16
CA HIS A 186 2.57 9.31 1.01
C HIS A 186 1.63 9.78 2.09
N PRO A 187 1.10 8.84 2.88
CA PRO A 187 0.26 9.25 3.99
C PRO A 187 1.06 9.98 5.06
N GLY A 188 0.41 10.98 5.64
N GLY A 188 0.41 10.97 5.63
CA GLY A 188 0.78 11.44 6.97
CA GLY A 188 0.74 11.41 6.98
C GLY A 188 0.29 10.45 8.02
C GLY A 188 0.11 10.48 8.02
N TYR A 189 0.06 10.96 9.27
N TYR A 189 0.01 10.97 9.28
CA TYR A 189 -0.38 10.08 10.36
CA TYR A 189 -0.53 10.17 10.41
C TYR A 189 -1.88 9.84 10.14
C TYR A 189 -1.99 9.87 10.11
N ILE A 190 -2.27 8.56 10.28
N ILE A 190 -2.34 8.62 10.34
CA ILE A 190 -3.64 8.10 10.10
CA ILE A 190 -3.67 8.09 10.07
C ILE A 190 -4.09 7.35 11.36
C ILE A 190 -4.13 7.29 11.30
N LYS A 191 -5.31 7.62 11.80
CA LYS A 191 -5.88 6.93 12.96
C LYS A 191 -6.36 5.55 12.57
N THR A 192 -5.92 4.58 13.35
CA THR A 192 -6.35 3.19 13.17
C THR A 192 -6.47 2.61 14.56
N PRO A 193 -7.06 1.42 14.67
CA PRO A 193 -7.05 0.70 15.94
C PRO A 193 -5.63 0.52 16.49
N LEU A 194 -4.63 0.31 15.66
CA LEU A 194 -3.25 0.20 16.16
C LEU A 194 -2.73 1.49 16.79
N VAL A 195 -2.92 2.62 16.12
N VAL A 195 -3.15 2.64 16.25
CA VAL A 195 -2.42 3.88 16.67
CA VAL A 195 -2.87 3.94 16.90
C VAL A 195 -3.08 4.09 18.03
C VAL A 195 -3.66 4.11 18.18
N ASP A 196 -4.34 3.67 18.15
N ASP A 196 -4.93 3.71 18.17
CA ASP A 196 -5.14 3.84 19.37
CA ASP A 196 -5.81 3.90 19.32
C ASP A 196 -4.54 3.12 20.56
C ASP A 196 -5.32 3.17 20.56
N ASP A 197 -3.87 2.01 20.26
N ASP A 197 -4.52 2.13 20.38
CA ASP A 197 -3.26 1.17 21.28
CA ASP A 197 -4.04 1.34 21.51
C ASP A 197 -1.87 1.69 21.67
C ASP A 197 -2.66 1.78 21.96
N LEU A 198 -1.39 2.75 21.02
N LEU A 198 -2.12 2.78 21.27
CA LEU A 198 -0.13 3.39 21.40
CA LEU A 198 -0.83 3.34 21.61
C LEU A 198 -0.46 4.63 22.20
C LEU A 198 -1.09 4.62 22.38
N PRO A 199 -0.31 4.53 23.52
N PRO A 199 -1.03 4.55 23.71
CA PRO A 199 -0.78 5.59 24.42
CA PRO A 199 -1.32 5.73 24.50
C PRO A 199 -0.24 6.98 24.06
C PRO A 199 -0.43 6.90 24.12
N GLY A 200 -1.09 7.99 23.83
CA GLY A 200 -0.52 9.31 23.60
C GLY A 200 -0.12 9.57 22.16
N ALA A 201 -0.16 8.55 21.29
CA ALA A 201 0.37 8.72 19.94
C ALA A 201 -0.47 9.67 19.11
N GLU A 202 -1.77 9.47 19.08
CA GLU A 202 -2.63 10.35 18.31
C GLU A 202 -2.46 11.81 18.77
N GLU A 203 -2.46 12.03 20.08
CA GLU A 203 -2.32 13.39 20.59
C GLU A 203 -0.98 14.02 20.14
N ALA A 204 0.07 13.22 20.20
N ALA A 204 0.12 13.30 20.21
CA ALA A 204 1.39 13.64 19.82
CA ALA A 204 1.41 13.90 19.86
C ALA A 204 1.39 13.97 18.32
C ALA A 204 1.45 14.31 18.38
N MET A 205 0.74 13.14 17.48
N MET A 205 0.94 13.45 17.47
CA MET A 205 0.67 13.29 16.02
CA MET A 205 1.02 13.75 16.05
C MET A 205 -0.14 14.54 15.60
C MET A 205 -0.07 14.72 15.58
N SER A 206 -1.07 14.92 16.51
N SER A 206 -0.97 15.03 16.55
CA SER A 206 -2.02 16.01 16.31
CA SER A 206 -2.01 16.00 16.34
C SER A 206 -1.56 17.40 16.77
C SER A 206 -1.58 17.40 16.80
N GLN A 207 -0.42 17.48 17.45
CA GLN A 207 0.13 18.80 17.80
C GLN A 207 0.38 19.58 16.52
N ARG A 208 0.21 20.88 16.55
CA ARG A 208 0.31 21.68 15.33
C ARG A 208 1.71 21.68 14.74
N THR A 209 2.73 21.50 15.58
CA THR A 209 4.10 21.35 15.14
C THR A 209 4.37 20.07 14.39
N LYS A 210 3.43 19.13 14.42
CA LYS A 210 3.48 17.90 13.67
C LYS A 210 2.47 17.97 12.52
N THR A 211 1.17 17.88 12.80
CA THR A 211 0.15 17.95 11.77
C THR A 211 -0.59 19.27 11.90
N PRO A 212 -0.38 20.22 10.97
N PRO A 212 -0.40 20.21 10.94
CA PRO A 212 -0.99 21.54 11.15
CA PRO A 212 -1.05 21.52 10.99
C PRO A 212 -2.53 21.51 11.20
C PRO A 212 -2.54 21.50 11.19
N MET A 213 -3.20 20.53 10.62
N MET A 213 -3.24 20.52 10.62
CA MET A 213 -4.67 20.45 10.75
CA MET A 213 -4.69 20.46 10.78
C MET A 213 -5.10 20.23 12.21
C MET A 213 -5.11 20.13 12.23
N GLY A 214 -4.20 19.75 13.08
N GLY A 214 -4.16 19.80 13.11
CA GLY A 214 -4.52 19.61 14.49
CA GLY A 214 -4.49 19.59 14.51
C GLY A 214 -5.18 18.31 14.83
C GLY A 214 -5.26 18.33 14.80
N HIS A 215 -5.22 17.37 13.90
CA HIS A 215 -5.79 16.06 14.08
C HIS A 215 -5.12 15.18 13.04
N ILE A 216 -5.26 13.88 13.16
CA ILE A 216 -4.71 12.96 12.18
C ILE A 216 -5.80 12.48 11.24
N GLY A 217 -5.45 11.72 10.21
N GLY A 217 -5.41 11.74 10.22
CA GLY A 217 -6.40 11.37 9.17
CA GLY A 217 -6.35 11.33 9.20
C GLY A 217 -7.20 10.11 9.49
C GLY A 217 -6.96 10.01 9.55
N GLU A 218 -7.94 9.62 8.52
N GLU A 218 -7.67 9.45 8.60
CA GLU A 218 -8.66 8.36 8.64
CA GLU A 218 -8.35 8.18 8.78
C GLU A 218 -8.27 7.46 7.45
C GLU A 218 -8.16 7.37 7.50
N PRO A 219 -8.50 6.16 7.61
N PRO A 219 -8.27 6.03 7.63
CA PRO A 219 -8.09 5.21 6.55
CA PRO A 219 -7.95 5.15 6.50
C PRO A 219 -8.64 5.56 5.19
C PRO A 219 -8.64 5.54 5.17
N ASN A 220 -9.88 6.00 5.14
CA ASN A 220 -10.50 6.34 3.86
C ASN A 220 -9.77 7.49 3.17
N ASP A 221 -9.07 8.35 3.91
CA ASP A 221 -8.29 9.39 3.26
C ASP A 221 -7.29 8.77 2.29
N ILE A 222 -6.68 7.68 2.64
CA ILE A 222 -5.75 7.02 1.76
C ILE A 222 -6.46 6.18 0.72
N ALA A 223 -7.58 5.57 1.08
CA ALA A 223 -8.35 4.81 0.10
C ALA A 223 -8.72 5.68 -1.10
N TYR A 224 -9.20 6.90 -0.90
CA TYR A 224 -9.70 7.66 -2.02
C TYR A 224 -8.61 8.07 -3.00
N ILE A 225 -7.41 8.41 -2.55
CA ILE A 225 -6.34 8.70 -3.50
C ILE A 225 -5.94 7.44 -4.26
N CYS A 226 -6.00 6.28 -3.60
CA CYS A 226 -5.72 5.04 -4.29
C CYS A 226 -6.76 4.70 -5.35
N VAL A 227 -8.04 5.00 -5.11
CA VAL A 227 -9.04 4.79 -6.13
C VAL A 227 -8.70 5.60 -7.37
N TYR A 228 -8.37 6.88 -7.19
CA TYR A 228 -7.99 7.72 -8.31
C TYR A 228 -6.83 7.12 -9.08
N LEU A 229 -5.76 6.69 -8.37
CA LEU A 229 -4.59 6.15 -9.03
C LEU A 229 -4.82 4.81 -9.71
N ALA A 230 -5.71 3.98 -9.18
N ALA A 230 -5.71 3.98 -9.20
CA ALA A 230 -6.03 2.70 -9.78
CA ALA A 230 -6.04 2.71 -9.83
C ALA A 230 -6.90 2.88 -11.02
C ALA A 230 -6.96 2.92 -11.05
N SER A 231 -7.69 3.93 -11.06
N SER A 231 -7.76 3.95 -11.02
CA SER A 231 -8.64 4.13 -12.12
CA SER A 231 -8.72 4.23 -12.06
C SER A 231 -7.97 4.70 -13.36
C SER A 231 -8.04 4.76 -13.30
N ASN A 232 -8.68 4.58 -14.47
N ASN A 232 -8.74 4.63 -14.42
CA ASN A 232 -8.24 5.20 -15.71
CA ASN A 232 -8.28 5.19 -15.67
C ASN A 232 -8.34 6.72 -15.68
C ASN A 232 -8.34 6.71 -15.68
N GLU A 233 -8.97 7.31 -14.68
CA GLU A 233 -8.95 8.76 -14.51
C GLU A 233 -7.54 9.30 -14.46
N SER A 234 -6.58 8.51 -13.96
N SER A 234 -6.58 8.51 -13.96
CA SER A 234 -5.22 8.93 -13.76
CA SER A 234 -5.22 8.93 -13.76
C SER A 234 -4.25 8.40 -14.82
C SER A 234 -4.25 8.39 -14.82
N LYS A 235 -4.79 8.12 -16.02
N LYS A 235 -4.78 8.13 -16.03
CA LYS A 235 -4.01 7.55 -17.11
CA LYS A 235 -4.00 7.55 -17.12
C LYS A 235 -2.79 8.37 -17.56
C LYS A 235 -2.79 8.37 -17.56
N PHE A 236 -2.68 9.64 -17.23
N PHE A 236 -2.68 9.64 -17.23
CA PHE A 236 -1.51 10.44 -17.56
CA PHE A 236 -1.51 10.43 -17.56
C PHE A 236 -0.60 10.68 -16.33
C PHE A 236 -0.58 10.64 -16.35
N ALA A 237 -0.94 10.08 -15.19
CA ALA A 237 -0.11 10.23 -13.99
C ALA A 237 0.81 9.03 -13.85
N THR A 238 2.10 9.25 -13.92
CA THR A 238 3.07 8.18 -13.67
C THR A 238 4.34 8.82 -13.16
N GLY A 239 5.03 8.11 -12.27
CA GLY A 239 6.27 8.61 -11.70
C GLY A 239 6.13 9.69 -10.67
N SER A 240 4.93 9.86 -10.13
CA SER A 240 4.67 10.92 -9.21
C SER A 240 4.29 10.47 -7.82
N GLU A 241 4.42 11.43 -6.90
CA GLU A 241 4.18 11.26 -5.47
C GLU A 241 2.90 12.00 -5.06
N PHE A 242 2.00 11.31 -4.39
CA PHE A 242 0.69 11.86 -3.99
C PHE A 242 0.65 11.87 -2.47
N VAL A 243 0.68 13.06 -1.89
CA VAL A 243 0.83 13.26 -0.45
C VAL A 243 -0.52 13.64 0.17
N VAL A 244 -0.90 12.94 1.23
CA VAL A 244 -2.15 13.19 1.94
C VAL A 244 -1.81 13.17 3.43
N ASP A 245 -1.49 14.36 3.97
CA ASP A 245 -0.76 14.43 5.23
C ASP A 245 -1.19 15.51 6.21
N GLY A 246 -2.31 16.18 5.97
CA GLY A 246 -2.76 17.18 6.91
C GLY A 246 -1.87 18.40 7.05
N GLY A 247 -0.97 18.59 6.06
CA GLY A 247 -0.02 19.68 6.06
C GLY A 247 1.34 19.35 6.64
N TYR A 248 1.58 18.11 7.08
CA TYR A 248 2.81 17.77 7.78
C TYR A 248 4.06 18.26 7.07
N THR A 249 4.16 17.96 5.77
CA THR A 249 5.36 18.26 5.01
C THR A 249 5.34 19.67 4.41
N ALA A 250 4.27 20.41 4.50
CA ALA A 250 4.19 21.76 3.98
C ALA A 250 4.92 22.78 4.83
N GLN A 251 5.19 22.46 6.09
CA GLN A 251 5.95 23.32 7.00
C GLN A 251 7.34 22.73 7.31
MG MG B . 9.06 20.23 7.64
O1 SS2 C . 4.53 4.56 10.06
C1 SS2 C . 4.55 5.69 10.95
C2 SS2 C . 4.90 5.22 12.31
C3 SS2 C . 4.11 5.55 13.41
C4 SS2 C . 4.46 5.11 14.68
C5 SS2 C . 5.59 4.32 14.87
C6 SS2 C . 6.38 3.99 13.77
C7 SS2 C . 6.04 4.44 12.50
C8 SS2 C . 5.54 6.73 10.45
PA NAD D . -1.35 -0.83 10.17
O1A NAD D . -0.52 -0.09 11.20
O2A NAD D . -2.81 -0.56 10.46
O5B NAD D . -1.08 -2.30 10.31
C5B NAD D . 0.09 -2.85 9.74
C4B NAD D . -0.29 -3.39 8.36
O4B NAD D . 0.85 -3.84 7.64
C3B NAD D . -1.21 -4.59 8.47
O3B NAD D . -2.45 -4.29 7.85
C2B NAD D . -0.52 -5.73 7.76
O2B NAD D . -1.44 -6.33 6.85
C1B NAD D . 0.67 -5.11 7.03
N9A NAD D . 1.92 -5.90 7.13
C8A NAD D . 2.92 -5.71 8.00
N7A NAD D . 3.91 -6.60 7.81
C5A NAD D . 3.54 -7.38 6.79
C6A NAD D . 4.13 -8.53 6.07
N6A NAD D . 5.38 -9.00 6.46
N1A NAD D . 3.44 -9.07 5.05
C2A NAD D . 2.23 -8.60 4.69
N3A NAD D . 1.63 -7.56 5.32
C4A NAD D . 2.22 -6.92 6.33
O3 NAD D . -0.89 -0.38 8.81
PN NAD D . -1.73 0.33 7.76
O1N NAD D . -2.75 1.19 8.43
O2N NAD D . -2.39 -0.68 6.85
O5D NAD D . -0.76 1.20 6.99
C5D NAD D . -0.46 0.98 5.62
C4D NAD D . 0.82 1.65 5.17
O4D NAD D . 0.88 3.03 5.52
C3D NAD D . 2.08 1.04 5.77
O3D NAD D . 3.02 0.76 4.73
C2D NAD D . 2.62 2.08 6.73
O2D NAD D . 4.04 1.98 6.77
C1D NAD D . 2.10 3.40 6.17
N1N NAD D . 1.88 4.47 7.14
C2N NAD D . 0.95 4.35 8.11
C3N NAD D . 0.73 5.38 9.04
C7N NAD D . -0.30 5.29 10.14
O7N NAD D . -0.41 6.23 10.91
N7N NAD D . -1.07 4.21 10.31
C4N NAD D . 1.49 6.54 8.93
C5N NAD D . 2.45 6.65 7.92
C6N NAD D . 2.62 5.60 7.03
#